data_7B4P
#
_entry.id   7B4P
#
_cell.length_a   41.790
_cell.length_b   109.593
_cell.length_c   122.598
_cell.angle_alpha   90.000
_cell.angle_beta   90.000
_cell.angle_gamma   90.000
#
_symmetry.space_group_name_H-M   'P 21 21 21'
#
loop_
_entity.id
_entity.type
_entity.pdbx_description
1 polymer 'Superoxide dismutase [Cu-Zn]'
2 non-polymer 'COPPER (II) ION'
3 non-polymer 'ZINC ION'
4 water water
#
_entity_poly.entity_id   1
_entity_poly.type   'polypeptide(L)'
_entity_poly.pdbx_seq_one_letter_code
;QVEGKTQKAVCVIYPTQDYKVTGVITFTKSDDGVKVVADLNGLSPGKHGFHIHECGDCSASDGTSAGGHFNPEEKSHGAP
MDMSRHIGDLGNITADENGKAHLEYIDKMIVFEGEHSIIGRSMIVHKNEDDLKTQPTGNAGARVACGVIGIGK
;
_entity_poly.pdbx_strand_id   AAA,BBB,CCC,DDD
#
loop_
_chem_comp.id
_chem_comp.type
_chem_comp.name
_chem_comp.formula
CU non-polymer 'COPPER (II) ION' 'Cu 2'
ZN non-polymer 'ZINC ION' 'Zn 2'
#
# COMPACT_ATOMS: atom_id res chain seq x y z
N GLU A 3 12.05 20.52 19.16
CA GLU A 3 12.03 20.07 20.59
C GLU A 3 10.59 20.08 21.10
N GLY A 4 9.98 21.27 21.21
CA GLY A 4 8.60 21.47 21.69
C GLY A 4 7.60 20.65 20.90
N LYS A 5 6.78 19.86 21.61
CA LYS A 5 5.68 19.02 21.05
C LYS A 5 4.80 19.86 20.11
N THR A 6 4.22 19.21 19.10
CA THR A 6 3.44 19.86 18.01
C THR A 6 2.13 20.41 18.59
N GLN A 7 1.91 21.73 18.46
CA GLN A 7 0.74 22.45 19.02
C GLN A 7 -0.31 22.70 17.92
N LYS A 8 0.13 22.82 16.66
CA LYS A 8 -0.74 23.20 15.51
C LYS A 8 -0.57 22.17 14.38
N ALA A 9 -1.60 22.00 13.55
CA ALA A 9 -1.56 21.23 12.30
C ALA A 9 -2.36 21.98 11.22
N VAL A 10 -1.88 21.95 9.97
CA VAL A 10 -2.48 22.66 8.81
C VAL A 10 -2.66 21.67 7.66
N CYS A 11 -3.76 21.80 6.92
CA CYS A 11 -4.11 20.95 5.75
C CYS A 11 -4.81 21.80 4.69
N VAL A 12 -4.15 22.01 3.55
CA VAL A 12 -4.73 22.65 2.33
C VAL A 12 -5.36 21.54 1.47
N ILE A 13 -6.68 21.57 1.31
CA ILE A 13 -7.41 20.61 0.42
C ILE A 13 -7.44 21.20 -1.00
N TYR A 14 -7.10 20.36 -1.99
CA TYR A 14 -7.21 20.67 -3.44
C TYR A 14 -8.28 19.76 -4.03
N PRO A 15 -8.92 20.13 -5.15
CA PRO A 15 -10.02 19.35 -5.71
C PRO A 15 -9.55 18.07 -6.41
N THR A 16 -10.43 17.07 -6.48
CA THR A 16 -10.29 15.86 -7.34
C THR A 16 -10.80 16.21 -8.74
N GLN A 17 -10.60 15.33 -9.71
CA GLN A 17 -10.94 15.55 -11.15
C GLN A 17 -12.41 15.98 -11.25
N ASP A 18 -12.68 17.08 -11.97
CA ASP A 18 -14.04 17.59 -12.29
C ASP A 18 -14.69 18.23 -11.05
N TYR A 19 -13.89 18.90 -10.20
CA TYR A 19 -14.36 19.67 -9.02
C TYR A 19 -13.46 20.89 -8.83
N LYS A 20 -13.97 21.92 -8.13
CA LYS A 20 -13.26 23.20 -7.85
C LYS A 20 -13.19 23.41 -6.33
N VAL A 21 -13.36 22.35 -5.54
CA VAL A 21 -13.37 22.40 -4.04
C VAL A 21 -11.94 22.62 -3.55
N THR A 22 -11.68 23.77 -2.91
CA THR A 22 -10.39 24.16 -2.29
C THR A 22 -10.66 24.76 -0.92
N GLY A 23 -9.64 24.83 -0.05
CA GLY A 23 -9.75 25.46 1.28
C GLY A 23 -8.58 25.13 2.19
N VAL A 24 -8.63 25.64 3.43
CA VAL A 24 -7.61 25.42 4.49
C VAL A 24 -8.32 24.94 5.76
N ILE A 25 -7.72 23.96 6.45
CA ILE A 25 -8.19 23.40 7.74
C ILE A 25 -7.02 23.49 8.73
N THR A 26 -7.24 24.11 9.89
CA THR A 26 -6.24 24.20 10.99
C THR A 26 -6.74 23.37 12.17
N PHE A 27 -5.83 22.63 12.82
CA PHE A 27 -6.05 21.89 14.08
C PHE A 27 -5.13 22.51 15.15
N THR A 28 -5.73 23.25 16.09
CA THR A 28 -5.03 23.96 17.20
C THR A 28 -5.35 23.26 18.52
N LYS A 29 -4.33 23.04 19.36
CA LYS A 29 -4.46 22.41 20.69
C LYS A 29 -5.06 23.45 21.65
N SER A 30 -6.14 23.08 22.35
CA SER A 30 -6.78 23.86 23.44
C SER A 30 -6.86 23.00 24.71
N ASP A 31 -7.26 23.59 25.83
CA ASP A 31 -7.28 22.92 27.17
C ASP A 31 -8.06 21.60 27.08
N ASP A 32 -9.30 21.64 26.59
CA ASP A 32 -10.25 20.48 26.61
C ASP A 32 -10.39 19.92 25.19
N GLY A 33 -9.28 19.71 24.48
CA GLY A 33 -9.22 18.97 23.21
C GLY A 33 -8.45 19.70 22.12
N VAL A 34 -8.82 19.48 20.86
CA VAL A 34 -8.19 20.10 19.65
C VAL A 34 -9.27 20.86 18.88
N LYS A 35 -9.06 22.17 18.69
CA LYS A 35 -9.97 23.08 17.94
C LYS A 35 -9.78 22.86 16.44
N VAL A 36 -10.80 22.35 15.76
CA VAL A 36 -10.84 22.17 14.28
C VAL A 36 -11.53 23.39 13.68
N VAL A 37 -10.86 24.10 12.76
CA VAL A 37 -11.40 25.28 12.01
C VAL A 37 -11.17 25.02 10.51
N ALA A 38 -12.25 25.00 9.72
CA ALA A 38 -12.24 24.67 8.28
C ALA A 38 -12.95 25.77 7.49
N ASP A 39 -12.33 26.23 6.40
CA ASP A 39 -12.88 27.24 5.47
C ASP A 39 -12.68 26.74 4.03
N LEU A 40 -13.76 26.32 3.38
CA LEU A 40 -13.75 25.71 2.02
C LEU A 40 -14.55 26.58 1.05
N ASN A 41 -14.27 26.43 -0.25
CA ASN A 41 -14.99 27.07 -1.38
C ASN A 41 -15.20 26.04 -2.50
N GLY A 42 -16.15 26.30 -3.40
CA GLY A 42 -16.41 25.46 -4.59
C GLY A 42 -17.14 24.17 -4.26
N LEU A 43 -17.76 24.10 -3.08
CA LEU A 43 -18.65 22.97 -2.67
C LEU A 43 -20.06 23.27 -3.17
N SER A 44 -20.81 22.23 -3.56
CA SER A 44 -22.26 22.34 -3.86
C SER A 44 -22.99 22.67 -2.56
N PRO A 45 -24.06 23.50 -2.59
CA PRO A 45 -24.83 23.79 -1.38
C PRO A 45 -25.30 22.50 -0.68
N GLY A 46 -25.15 22.44 0.64
CA GLY A 46 -25.60 21.30 1.47
C GLY A 46 -24.47 20.71 2.30
N LYS A 47 -24.76 19.61 3.00
CA LYS A 47 -23.82 18.92 3.92
C LYS A 47 -22.91 17.99 3.11
N HIS A 48 -21.62 17.97 3.44
CA HIS A 48 -20.58 17.15 2.76
C HIS A 48 -19.81 16.34 3.80
N GLY A 49 -19.59 15.04 3.54
CA GLY A 49 -18.74 14.16 4.35
C GLY A 49 -17.35 14.76 4.51
N PHE A 50 -16.85 14.75 5.76
CA PHE A 50 -15.61 15.44 6.19
C PHE A 50 -14.87 14.51 7.16
N HIS A 51 -13.79 13.87 6.69
CA HIS A 51 -13.08 12.77 7.41
C HIS A 51 -11.56 12.91 7.26
N ILE A 52 -10.82 12.34 8.23
CA ILE A 52 -9.37 12.05 8.13
C ILE A 52 -9.23 10.60 7.64
N HIS A 53 -8.51 10.38 6.54
CA HIS A 53 -8.29 9.05 5.91
C HIS A 53 -6.86 8.57 6.23
N GLU A 54 -6.65 7.25 6.24
CA GLU A 54 -5.46 6.58 6.84
C GLU A 54 -4.18 6.95 6.05
N CYS A 55 -4.24 6.99 4.72
CA CYS A 55 -3.08 7.28 3.83
C CYS A 55 -3.08 8.76 3.45
N GLY A 56 -1.93 9.42 3.57
CA GLY A 56 -1.69 10.83 3.18
C GLY A 56 -1.25 10.93 1.73
N ASP A 57 -2.05 10.39 0.81
CA ASP A 57 -1.74 10.26 -0.63
C ASP A 57 -2.91 10.83 -1.44
N CYS A 58 -2.72 12.01 -2.04
CA CYS A 58 -3.73 12.71 -2.88
C CYS A 58 -3.27 12.71 -4.34
N SER A 59 -2.52 11.68 -4.76
CA SER A 59 -1.90 11.57 -6.11
C SER A 59 -2.94 11.06 -7.13
N ALA A 60 -3.99 10.38 -6.67
CA ALA A 60 -5.09 9.85 -7.50
C ALA A 60 -6.02 11.00 -7.92
N SER A 61 -6.55 10.92 -9.15
CA SER A 61 -7.51 11.89 -9.73
C SER A 61 -8.82 11.90 -8.93
N ASP A 62 -9.24 10.74 -8.40
CA ASP A 62 -10.55 10.54 -7.72
C ASP A 62 -10.36 10.47 -6.20
N GLY A 63 -9.14 10.67 -5.69
CA GLY A 63 -8.81 10.72 -4.26
C GLY A 63 -8.88 9.36 -3.59
N THR A 64 -8.88 8.27 -4.37
CA THR A 64 -8.96 6.86 -3.90
C THR A 64 -7.68 6.50 -3.14
N SER A 65 -6.56 7.17 -3.46
CA SER A 65 -5.21 6.91 -2.89
C SER A 65 -5.16 7.28 -1.40
N ALA A 66 -6.12 8.07 -0.90
CA ALA A 66 -6.25 8.43 0.53
C ALA A 66 -6.64 7.20 1.36
N GLY A 67 -7.22 6.19 0.72
CA GLY A 67 -7.65 4.93 1.37
C GLY A 67 -8.87 5.14 2.25
N GLY A 68 -9.06 4.28 3.24
CA GLY A 68 -10.22 4.29 4.14
C GLY A 68 -10.09 5.33 5.22
N HIS A 69 -11.13 5.45 6.07
CA HIS A 69 -11.18 6.36 7.25
C HIS A 69 -10.09 5.96 8.24
N PHE A 70 -9.33 6.93 8.74
CA PHE A 70 -8.24 6.71 9.73
C PHE A 70 -8.85 6.10 11.00
N ASN A 71 -8.71 4.78 11.15
CA ASN A 71 -9.38 3.95 12.19
C ASN A 71 -8.35 3.01 12.81
N PRO A 72 -7.39 3.52 13.60
CA PRO A 72 -6.35 2.68 14.20
C PRO A 72 -6.81 1.81 15.38
N GLU A 73 -8.05 2.01 15.85
CA GLU A 73 -8.66 1.25 16.97
C GLU A 73 -9.64 0.19 16.45
N GLU A 74 -9.88 0.14 15.13
CA GLU A 74 -10.76 -0.83 14.45
C GLU A 74 -12.20 -0.70 14.98
N LYS A 75 -12.65 0.54 15.23
CA LYS A 75 -14.02 0.85 15.72
C LYS A 75 -14.96 1.05 14.52
N SER A 76 -16.25 1.25 14.78
CA SER A 76 -17.30 1.49 13.76
C SER A 76 -17.32 2.95 13.35
N HIS A 77 -17.94 3.27 12.21
CA HIS A 77 -18.17 4.65 11.71
C HIS A 77 -19.26 5.31 12.55
N GLY A 78 -19.07 6.59 12.92
CA GLY A 78 -20.03 7.36 13.72
C GLY A 78 -19.83 8.86 13.57
N ALA A 79 -20.45 9.64 14.46
CA ALA A 79 -20.37 11.12 14.51
C ALA A 79 -19.22 11.53 15.44
N PRO A 80 -18.75 12.80 15.36
CA PRO A 80 -17.71 13.29 16.28
C PRO A 80 -18.08 13.17 17.76
N MET A 81 -19.35 13.43 18.11
CA MET A 81 -19.88 13.42 19.50
C MET A 81 -19.97 11.98 20.02
N ASP A 82 -20.09 10.99 19.13
CA ASP A 82 -20.19 9.55 19.48
C ASP A 82 -18.86 9.06 20.07
N MET A 83 -18.93 8.07 20.97
CA MET A 83 -17.76 7.34 21.52
C MET A 83 -17.32 6.27 20.51
N SER A 84 -18.27 5.46 20.03
CA SER A 84 -18.09 4.50 18.91
C SER A 84 -17.92 5.26 17.60
N ARG A 85 -16.68 5.64 17.26
CA ARG A 85 -16.32 6.40 16.04
C ARG A 85 -14.88 6.06 15.61
N HIS A 86 -14.55 6.29 14.34
CA HIS A 86 -13.15 6.32 13.82
C HIS A 86 -12.47 7.60 14.32
N ILE A 87 -11.14 7.57 14.49
CA ILE A 87 -10.33 8.74 14.92
C ILE A 87 -10.58 9.90 13.94
N GLY A 88 -10.81 9.58 12.65
CA GLY A 88 -11.03 10.55 11.57
C GLY A 88 -12.50 10.71 11.21
N ASP A 89 -13.41 10.62 12.18
CA ASP A 89 -14.86 10.92 12.00
C ASP A 89 -15.12 12.35 12.48
N LEU A 90 -14.95 13.33 11.59
CA LEU A 90 -15.17 14.78 11.87
C LEU A 90 -16.56 15.19 11.34
N GLY A 91 -17.44 14.22 11.10
CA GLY A 91 -18.85 14.42 10.72
C GLY A 91 -18.99 15.04 9.33
N ASN A 92 -19.80 16.10 9.22
CA ASN A 92 -20.11 16.80 7.96
C ASN A 92 -19.62 18.25 8.04
N ILE A 93 -19.32 18.85 6.88
CA ILE A 93 -19.13 20.32 6.71
C ILE A 93 -20.24 20.80 5.77
N THR A 94 -20.84 21.96 6.07
CA THR A 94 -22.04 22.49 5.37
C THR A 94 -21.63 23.70 4.53
N ALA A 95 -21.92 23.65 3.22
CA ALA A 95 -21.69 24.74 2.25
C ALA A 95 -22.99 25.53 2.07
N ASP A 96 -22.90 26.87 2.05
CA ASP A 96 -24.05 27.79 1.86
C ASP A 96 -24.38 27.85 0.36
N GLU A 97 -25.34 28.70 0.00
CA GLU A 97 -25.84 28.89 -1.40
C GLU A 97 -24.69 29.37 -2.31
N ASN A 98 -23.67 30.03 -1.74
CA ASN A 98 -22.52 30.60 -2.48
C ASN A 98 -21.38 29.58 -2.58
N GLY A 99 -21.53 28.41 -1.94
CA GLY A 99 -20.54 27.31 -1.98
C GLY A 99 -19.43 27.48 -0.95
N LYS A 100 -19.49 28.53 -0.13
CA LYS A 100 -18.58 28.76 1.03
C LYS A 100 -19.04 27.85 2.17
N ALA A 101 -18.08 27.24 2.88
CA ALA A 101 -18.34 26.34 4.03
C ALA A 101 -17.36 26.67 5.17
N HIS A 102 -17.88 27.09 6.32
CA HIS A 102 -17.13 27.29 7.58
C HIS A 102 -17.56 26.21 8.59
N LEU A 103 -16.64 25.81 9.47
CA LEU A 103 -16.86 24.77 10.50
C LEU A 103 -15.78 24.92 11.58
N GLU A 104 -16.19 25.13 12.83
CA GLU A 104 -15.27 25.15 13.99
C GLU A 104 -15.91 24.41 15.16
N TYR A 105 -15.15 23.51 15.81
CA TYR A 105 -15.57 22.71 16.98
C TYR A 105 -14.34 22.14 17.69
N ILE A 106 -14.54 21.59 18.89
CA ILE A 106 -13.48 20.97 19.74
C ILE A 106 -13.58 19.45 19.62
N ASP A 107 -12.61 18.80 18.96
CA ASP A 107 -12.51 17.32 18.86
C ASP A 107 -11.62 16.82 20.00
N LYS A 108 -12.13 15.86 20.79
CA LYS A 108 -11.48 15.35 22.03
C LYS A 108 -10.69 14.06 21.74
N MET A 109 -10.72 13.58 20.49
CA MET A 109 -10.09 12.30 20.07
C MET A 109 -8.73 12.55 19.39
N ILE A 110 -8.67 13.49 18.45
CA ILE A 110 -7.49 13.71 17.56
C ILE A 110 -6.32 14.27 18.39
N VAL A 111 -5.09 13.86 18.04
CA VAL A 111 -3.82 14.30 18.66
C VAL A 111 -2.75 14.40 17.55
N PHE A 112 -1.58 14.95 17.87
CA PHE A 112 -0.50 15.27 16.90
C PHE A 112 0.76 14.41 17.17
N GLU A 113 0.61 13.29 17.87
CA GLU A 113 1.72 12.37 18.23
C GLU A 113 1.17 11.05 18.79
N GLY A 114 1.80 9.93 18.44
CA GLY A 114 1.46 8.58 18.93
C GLY A 114 0.74 7.74 17.87
N GLU A 115 0.13 6.64 18.31
CA GLU A 115 -0.65 5.68 17.47
C GLU A 115 -1.75 6.41 16.73
N HIS A 116 -2.40 7.39 17.37
CA HIS A 116 -3.61 8.10 16.87
C HIS A 116 -3.25 9.48 16.28
N SER A 117 -1.97 9.72 15.96
CA SER A 117 -1.48 10.98 15.35
C SER A 117 -2.12 11.18 13.98
N ILE A 118 -2.68 12.37 13.72
CA ILE A 118 -3.34 12.74 12.43
C ILE A 118 -2.29 13.34 11.48
N ILE A 119 -1.10 13.66 11.99
CA ILE A 119 0.03 14.24 11.20
C ILE A 119 0.43 13.22 10.13
N GLY A 120 0.41 13.62 8.86
CA GLY A 120 0.78 12.78 7.70
C GLY A 120 -0.40 11.99 7.17
N ARG A 121 -1.57 12.15 7.78
CA ARG A 121 -2.85 11.56 7.28
C ARG A 121 -3.45 12.54 6.27
N SER A 122 -4.56 12.16 5.62
CA SER A 122 -5.25 12.96 4.59
C SER A 122 -6.62 13.43 5.11
N MET A 123 -7.02 14.65 4.72
CA MET A 123 -8.42 15.15 4.82
C MET A 123 -9.11 14.84 3.49
N ILE A 124 -10.34 14.32 3.54
CA ILE A 124 -11.20 14.04 2.35
C ILE A 124 -12.56 14.70 2.55
N VAL A 125 -13.00 15.50 1.58
CA VAL A 125 -14.38 16.05 1.49
C VAL A 125 -15.14 15.22 0.46
N HIS A 126 -16.34 14.76 0.80
CA HIS A 126 -17.19 13.86 -0.03
C HIS A 126 -18.24 14.69 -0.78
N LYS A 127 -18.81 14.11 -1.84
CA LYS A 127 -19.84 14.75 -2.69
C LYS A 127 -21.16 14.84 -1.91
N ASN A 128 -21.54 13.75 -1.23
CA ASN A 128 -22.85 13.62 -0.53
C ASN A 128 -22.64 13.75 0.99
N GLU A 129 -23.74 13.80 1.72
CA GLU A 129 -23.79 13.90 3.21
C GLU A 129 -23.34 12.56 3.81
N ASP A 130 -22.58 12.63 4.91
CA ASP A 130 -22.28 11.49 5.82
C ASP A 130 -23.46 11.34 6.79
N ASP A 131 -24.25 10.27 6.66
CA ASP A 131 -25.49 10.05 7.44
C ASP A 131 -25.14 9.62 8.88
N LEU A 132 -23.88 9.25 9.12
CA LEU A 132 -23.31 8.93 10.47
C LEU A 132 -23.85 7.59 10.98
N LYS A 133 -24.51 6.80 10.12
CA LYS A 133 -25.16 5.51 10.48
C LYS A 133 -24.58 4.38 9.61
N THR A 134 -24.67 4.52 8.29
CA THR A 134 -24.23 3.50 7.28
C THR A 134 -22.76 3.19 7.48
N GLN A 135 -22.38 1.91 7.27
CA GLN A 135 -21.00 1.39 7.49
C GLN A 135 -20.39 0.99 6.14
N PRO A 136 -19.07 1.18 5.92
CA PRO A 136 -18.18 1.84 6.87
C PRO A 136 -17.96 3.35 6.61
N THR A 137 -18.70 3.93 5.66
CA THR A 137 -18.43 5.26 5.04
C THR A 137 -19.46 6.30 5.49
N GLY A 138 -20.68 5.89 5.83
CA GLY A 138 -21.84 6.78 6.07
C GLY A 138 -22.52 7.18 4.77
N ASN A 139 -22.26 6.44 3.69
CA ASN A 139 -22.86 6.62 2.34
C ASN A 139 -22.53 8.03 1.82
N ALA A 140 -21.33 8.54 2.13
CA ALA A 140 -20.86 9.89 1.74
C ALA A 140 -20.58 9.94 0.24
N GLY A 141 -20.23 8.80 -0.37
CA GLY A 141 -20.03 8.66 -1.82
C GLY A 141 -18.67 9.18 -2.27
N ALA A 142 -18.61 9.74 -3.49
CA ALA A 142 -17.39 10.14 -4.21
C ALA A 142 -16.64 11.23 -3.42
N ARG A 143 -15.33 11.32 -3.63
CA ARG A 143 -14.41 12.28 -2.98
C ARG A 143 -14.20 13.48 -3.92
N VAL A 144 -14.46 14.69 -3.44
CA VAL A 144 -14.45 15.95 -4.26
C VAL A 144 -13.14 16.72 -3.99
N ALA A 145 -12.50 16.51 -2.84
CA ALA A 145 -11.24 17.20 -2.47
C ALA A 145 -10.39 16.30 -1.55
N CYS A 146 -9.06 16.45 -1.64
CA CYS A 146 -8.04 15.72 -0.84
C CYS A 146 -6.98 16.71 -0.35
N GLY A 147 -6.38 16.45 0.80
CA GLY A 147 -5.25 17.22 1.36
C GLY A 147 -4.54 16.43 2.44
N VAL A 148 -3.24 16.69 2.62
CA VAL A 148 -2.39 16.01 3.66
C VAL A 148 -2.23 16.96 4.86
N ILE A 149 -2.37 16.43 6.07
CA ILE A 149 -2.23 17.17 7.36
C ILE A 149 -0.73 17.27 7.68
N GLY A 150 -0.22 18.49 7.80
CA GLY A 150 1.20 18.78 8.10
C GLY A 150 1.37 19.47 9.45
N ILE A 151 2.62 19.53 9.94
CA ILE A 151 2.98 20.16 11.23
C ILE A 151 2.97 21.69 11.07
N GLY A 152 2.25 22.39 11.95
CA GLY A 152 2.13 23.86 11.94
C GLY A 152 3.00 24.49 13.02
N LYS A 153 2.99 25.83 13.11
CA LYS A 153 3.86 26.62 14.02
C LYS A 153 2.97 27.49 14.92
N LYS B 5 5.61 -0.37 11.05
CA LYS B 5 6.40 0.86 10.73
C LYS B 5 5.96 1.40 9.37
N THR B 6 5.99 2.73 9.18
CA THR B 6 5.73 3.40 7.88
C THR B 6 6.87 3.05 6.90
N GLN B 7 6.53 2.44 5.76
CA GLN B 7 7.50 1.97 4.73
C GLN B 7 7.58 2.97 3.57
N LYS B 8 6.49 3.69 3.29
CA LYS B 8 6.36 4.59 2.12
C LYS B 8 5.88 5.98 2.60
N ALA B 9 6.24 7.03 1.87
CA ALA B 9 5.73 8.41 2.05
C ALA B 9 5.46 9.04 0.68
N VAL B 10 4.39 9.81 0.55
CA VAL B 10 3.93 10.44 -0.72
C VAL B 10 3.72 11.94 -0.46
N CYS B 11 4.05 12.77 -1.45
CA CYS B 11 3.92 14.25 -1.41
C CYS B 11 3.55 14.77 -2.80
N VAL B 12 2.32 15.28 -2.94
CA VAL B 12 1.84 16.00 -4.16
C VAL B 12 2.17 17.49 -3.99
N ILE B 13 3.05 18.03 -4.83
CA ILE B 13 3.39 19.48 -4.83
C ILE B 13 2.39 20.20 -5.75
N TYR B 14 1.83 21.32 -5.28
CA TYR B 14 0.97 22.24 -6.05
C TYR B 14 1.72 23.56 -6.19
N PRO B 15 1.41 24.38 -7.22
CA PRO B 15 2.17 25.61 -7.46
C PRO B 15 1.83 26.73 -6.47
N THR B 16 2.77 27.64 -6.26
CA THR B 16 2.56 28.94 -5.56
C THR B 16 2.01 29.95 -6.58
N GLN B 17 1.57 31.12 -6.13
CA GLN B 17 0.93 32.16 -6.97
C GLN B 17 1.85 32.48 -8.16
N ASP B 18 1.30 32.47 -9.38
CA ASP B 18 1.97 32.87 -10.64
C ASP B 18 2.97 31.79 -11.08
N TYR B 19 2.66 30.50 -10.84
CA TYR B 19 3.45 29.34 -11.31
C TYR B 19 2.50 28.17 -11.62
N LYS B 20 2.98 27.22 -12.45
CA LYS B 20 2.19 26.04 -12.92
C LYS B 20 2.89 24.74 -12.52
N VAL B 21 3.83 24.82 -11.56
CA VAL B 21 4.67 23.67 -11.10
C VAL B 21 3.81 22.72 -10.28
N THR B 22 3.61 21.50 -10.78
CA THR B 22 2.90 20.38 -10.10
C THR B 22 3.72 19.09 -10.24
N GLY B 23 3.43 18.08 -9.42
CA GLY B 23 4.08 16.77 -9.51
C GLY B 23 3.86 15.90 -8.28
N VAL B 24 4.44 14.71 -8.28
CA VAL B 24 4.37 13.72 -7.16
C VAL B 24 5.79 13.28 -6.80
N ILE B 25 6.05 13.16 -5.49
CA ILE B 25 7.34 12.67 -4.91
C ILE B 25 7.03 11.51 -3.98
N THR B 26 7.65 10.35 -4.18
CA THR B 26 7.51 9.15 -3.31
C THR B 26 8.85 8.92 -2.59
N PHE B 27 8.77 8.58 -1.30
CA PHE B 27 9.92 8.15 -0.45
C PHE B 27 9.67 6.70 -0.02
N THR B 28 10.42 5.76 -0.60
CA THR B 28 10.32 4.30 -0.31
C THR B 28 11.55 3.86 0.48
N LYS B 29 11.35 3.12 1.56
CA LYS B 29 12.43 2.55 2.41
C LYS B 29 13.05 1.36 1.66
N SER B 30 14.36 1.39 1.46
CA SER B 30 15.13 0.44 0.60
C SER B 30 16.35 -0.04 1.38
N ASP B 31 17.07 -1.04 0.84
CA ASP B 31 18.42 -1.44 1.34
C ASP B 31 19.29 -0.18 1.34
N ASP B 32 19.99 0.08 2.45
CA ASP B 32 20.94 1.20 2.67
C ASP B 32 20.24 2.41 3.33
N GLY B 33 19.13 2.86 2.74
CA GLY B 33 18.54 4.19 2.98
C GLY B 33 17.12 4.29 2.45
N VAL B 34 16.72 5.50 2.03
CA VAL B 34 15.36 5.81 1.52
C VAL B 34 15.45 6.29 0.07
N LYS B 35 14.78 5.58 -0.84
CA LYS B 35 14.74 5.90 -2.30
C LYS B 35 13.78 7.07 -2.53
N VAL B 36 14.31 8.21 -2.98
CA VAL B 36 13.53 9.43 -3.36
C VAL B 36 13.30 9.37 -4.87
N VAL B 37 12.04 9.42 -5.31
CA VAL B 37 11.63 9.47 -6.75
C VAL B 37 10.67 10.64 -6.92
N ALA B 38 11.01 11.60 -7.79
CA ALA B 38 10.28 12.86 -8.03
C ALA B 38 9.99 13.02 -9.53
N ASP B 39 8.75 13.36 -9.87
CA ASP B 39 8.29 13.63 -11.26
C ASP B 39 7.47 14.93 -11.25
N LEU B 40 8.04 16.01 -11.77
CA LEU B 40 7.43 17.37 -11.76
C LEU B 40 7.18 17.84 -13.20
N ASN B 41 6.27 18.81 -13.36
CA ASN B 41 5.95 19.51 -14.63
C ASN B 41 5.77 21.00 -14.36
N GLY B 42 5.88 21.83 -15.39
CA GLY B 42 5.65 23.29 -15.32
C GLY B 42 6.82 24.05 -14.69
N LEU B 43 7.98 23.41 -14.58
CA LEU B 43 9.24 24.06 -14.14
C LEU B 43 9.92 24.70 -15.35
N SER B 44 10.58 25.85 -15.15
CA SER B 44 11.46 26.49 -16.16
C SER B 44 12.65 25.57 -16.41
N PRO B 45 13.17 25.47 -17.65
CA PRO B 45 14.35 24.64 -17.92
C PRO B 45 15.52 25.03 -17.01
N GLY B 46 16.20 24.02 -16.43
CA GLY B 46 17.39 24.21 -15.56
C GLY B 46 17.21 23.60 -14.19
N LYS B 47 18.19 23.82 -13.30
CA LYS B 47 18.26 23.23 -11.94
C LYS B 47 17.40 24.07 -10.99
N HIS B 48 16.64 23.43 -10.12
CA HIS B 48 15.72 24.06 -9.13
C HIS B 48 16.02 23.52 -7.73
N GLY B 49 16.12 24.40 -6.74
CA GLY B 49 16.22 24.05 -5.31
C GLY B 49 15.10 23.10 -4.89
N PHE B 50 15.44 22.03 -4.18
CA PHE B 50 14.55 20.90 -3.83
C PHE B 50 14.85 20.49 -2.39
N HIS B 51 13.98 20.86 -1.44
CA HIS B 51 14.22 20.74 0.02
C HIS B 51 12.97 20.27 0.76
N ILE B 52 13.15 19.65 1.93
CA ILE B 52 12.10 19.42 2.96
C ILE B 52 12.17 20.58 3.96
N HIS B 53 11.06 21.29 4.16
CA HIS B 53 10.95 22.47 5.08
C HIS B 53 10.23 22.04 6.37
N GLU B 54 10.50 22.75 7.48
CA GLU B 54 10.16 22.31 8.86
C GLU B 54 8.64 22.27 9.07
N CYS B 55 7.90 23.25 8.54
CA CYS B 55 6.42 23.35 8.70
C CYS B 55 5.72 22.77 7.47
N GLY B 56 4.72 21.90 7.69
CA GLY B 56 3.87 21.30 6.66
C GLY B 56 2.66 22.17 6.37
N ASP B 57 2.90 23.44 6.01
CA ASP B 57 1.87 24.49 5.81
C ASP B 57 2.09 25.13 4.44
N CYS B 58 1.22 24.82 3.47
CA CYS B 58 1.25 25.37 2.09
C CYS B 58 0.06 26.30 1.87
N SER B 59 -0.42 26.96 2.94
CA SER B 59 -1.61 27.84 2.94
C SER B 59 -1.27 29.22 2.37
N ALA B 60 0.00 29.61 2.41
CA ALA B 60 0.51 30.91 1.89
C ALA B 60 0.59 30.85 0.36
N SER B 61 0.30 31.97 -0.30
CA SER B 61 0.35 32.12 -1.78
C SER B 61 1.78 31.96 -2.29
N ASP B 62 2.78 32.37 -1.50
CA ASP B 62 4.22 32.42 -1.89
C ASP B 62 5.00 31.27 -1.22
N GLY B 63 4.31 30.39 -0.49
CA GLY B 63 4.90 29.19 0.14
C GLY B 63 5.77 29.52 1.34
N THR B 64 5.67 30.75 1.87
CA THR B 64 6.46 31.25 3.04
C THR B 64 6.06 30.49 4.31
N SER B 65 4.83 29.95 4.35
CA SER B 65 4.23 29.25 5.51
C SER B 65 4.94 27.91 5.78
N ALA B 66 5.70 27.40 4.79
CA ALA B 66 6.51 26.16 4.91
C ALA B 66 7.68 26.38 5.88
N GLY B 67 8.07 27.65 6.08
CA GLY B 67 9.15 28.04 7.00
C GLY B 67 10.51 27.68 6.42
N GLY B 68 11.51 27.51 7.29
CA GLY B 68 12.89 27.22 6.91
C GLY B 68 13.10 25.74 6.56
N HIS B 69 14.32 25.39 6.16
CA HIS B 69 14.75 24.01 5.84
C HIS B 69 14.64 23.16 7.10
N PHE B 70 14.06 21.96 6.99
CA PHE B 70 13.89 21.00 8.12
C PHE B 70 15.27 20.62 8.66
N ASN B 71 15.67 21.24 9.77
CA ASN B 71 17.05 21.18 10.34
C ASN B 71 16.95 20.95 11.84
N PRO B 72 16.52 19.74 12.28
CA PRO B 72 16.36 19.44 13.71
C PRO B 72 17.69 19.23 14.48
N GLU B 73 18.82 19.19 13.77
CA GLU B 73 20.18 19.01 14.35
C GLU B 73 20.94 20.35 14.40
N GLU B 74 20.34 21.42 13.88
CA GLU B 74 20.91 22.80 13.86
C GLU B 74 22.25 22.81 13.11
N LYS B 75 22.35 22.04 12.01
CA LYS B 75 23.56 21.96 11.15
C LYS B 75 23.49 23.03 10.06
N SER B 76 24.55 23.16 9.25
CA SER B 76 24.65 24.12 8.13
C SER B 76 23.96 23.56 6.88
N HIS B 77 23.65 24.42 5.91
CA HIS B 77 23.10 24.04 4.58
C HIS B 77 24.20 23.39 3.75
N GLY B 78 23.88 22.32 3.03
CA GLY B 78 24.82 21.57 2.17
C GLY B 78 24.10 20.74 1.12
N ALA B 79 24.84 19.83 0.48
CA ALA B 79 24.34 18.89 -0.56
C ALA B 79 23.90 17.59 0.11
N PRO B 80 23.10 16.74 -0.59
CA PRO B 80 22.70 15.43 -0.05
C PRO B 80 23.88 14.53 0.33
N MET B 81 24.96 14.54 -0.48
CA MET B 81 26.16 13.68 -0.30
C MET B 81 26.99 14.17 0.90
N ASP B 82 26.87 15.46 1.26
CA ASP B 82 27.60 16.09 2.39
C ASP B 82 27.12 15.50 3.72
N MET B 83 28.02 15.44 4.72
CA MET B 83 27.68 15.08 6.13
C MET B 83 27.10 16.31 6.83
N SER B 84 27.78 17.46 6.72
CA SER B 84 27.31 18.79 7.17
C SER B 84 26.16 19.25 6.26
N ARG B 85 24.92 18.88 6.58
CA ARG B 85 23.70 19.21 5.81
C ARG B 85 22.48 19.24 6.74
N HIS B 86 21.41 19.94 6.33
CA HIS B 86 20.06 19.85 6.94
C HIS B 86 19.44 18.50 6.56
N ILE B 87 18.56 17.95 7.40
CA ILE B 87 17.83 16.68 7.14
C ILE B 87 17.09 16.80 5.81
N GLY B 88 16.60 18.01 5.48
CA GLY B 88 15.83 18.30 4.26
C GLY B 88 16.66 18.97 3.17
N ASP B 89 17.94 18.61 3.04
CA ASP B 89 18.82 19.05 1.93
C ASP B 89 18.85 17.93 0.86
N LEU B 90 17.88 17.96 -0.06
CA LEU B 90 17.75 16.98 -1.18
C LEU B 90 18.35 17.57 -2.46
N GLY B 91 19.18 18.62 -2.33
CA GLY B 91 19.94 19.23 -3.43
C GLY B 91 19.04 19.93 -4.43
N ASN B 92 19.25 19.65 -5.72
CA ASN B 92 18.51 20.27 -6.86
C ASN B 92 17.74 19.19 -7.62
N ILE B 93 16.65 19.61 -8.28
CA ILE B 93 15.94 18.81 -9.33
C ILE B 93 16.06 19.58 -10.64
N THR B 94 16.30 18.87 -11.75
CA THR B 94 16.61 19.46 -13.08
C THR B 94 15.43 19.26 -14.03
N ALA B 95 14.91 20.35 -14.59
CA ALA B 95 13.81 20.36 -15.59
C ALA B 95 14.42 20.45 -16.99
N ASP B 96 13.88 19.67 -17.94
CA ASP B 96 14.32 19.66 -19.36
C ASP B 96 13.68 20.84 -20.10
N GLU B 97 13.90 20.93 -21.41
CA GLU B 97 13.38 22.02 -22.28
C GLU B 97 11.85 22.04 -22.26
N ASN B 98 11.20 20.90 -21.98
CA ASN B 98 9.72 20.74 -21.97
C ASN B 98 9.17 21.04 -20.57
N GLY B 99 10.03 21.28 -19.58
CA GLY B 99 9.63 21.62 -18.20
C GLY B 99 9.36 20.39 -17.35
N LYS B 100 9.54 19.19 -17.91
CA LYS B 100 9.48 17.89 -17.18
C LYS B 100 10.77 17.72 -16.38
N ALA B 101 10.68 17.25 -15.14
CA ALA B 101 11.83 17.01 -14.23
C ALA B 101 11.65 15.66 -13.53
N HIS B 102 12.58 14.74 -13.75
CA HIS B 102 12.68 13.43 -13.04
C HIS B 102 13.93 13.45 -12.15
N LEU B 103 13.88 12.75 -11.03
CA LEU B 103 14.99 12.66 -10.04
C LEU B 103 14.76 11.42 -9.16
N GLU B 104 15.73 10.52 -9.13
CA GLU B 104 15.73 9.33 -8.23
C GLU B 104 17.14 9.15 -7.65
N TYR B 105 17.22 8.94 -6.33
CA TYR B 105 18.48 8.69 -5.59
C TYR B 105 18.15 8.10 -4.21
N ILE B 106 19.16 7.60 -3.52
CA ILE B 106 19.06 6.98 -2.17
C ILE B 106 19.57 7.98 -1.12
N ASP B 107 18.67 8.53 -0.30
CA ASP B 107 19.01 9.44 0.82
C ASP B 107 19.17 8.60 2.09
N LYS B 108 20.31 8.75 2.79
CA LYS B 108 20.72 7.92 3.94
C LYS B 108 20.35 8.63 5.27
N MET B 109 19.80 9.84 5.20
CA MET B 109 19.50 10.72 6.37
C MET B 109 18.02 10.64 6.74
N ILE B 110 17.12 10.75 5.76
CA ILE B 110 15.65 10.88 5.97
C ILE B 110 15.09 9.56 6.51
N VAL B 111 14.10 9.65 7.39
CA VAL B 111 13.36 8.50 8.01
C VAL B 111 11.89 8.91 8.19
N PHE B 112 11.02 7.96 8.56
CA PHE B 112 9.54 8.14 8.63
C PHE B 112 9.05 8.03 10.08
N GLU B 113 9.95 8.22 11.06
CA GLU B 113 9.61 8.13 12.52
C GLU B 113 10.78 8.65 13.36
N GLY B 114 10.46 9.37 14.44
CA GLY B 114 11.42 9.91 15.41
C GLY B 114 11.63 11.41 15.26
N GLU B 115 12.71 11.92 15.85
CA GLU B 115 13.11 13.36 15.85
C GLU B 115 13.25 13.85 14.41
N HIS B 116 13.79 13.02 13.51
CA HIS B 116 14.17 13.39 12.12
C HIS B 116 13.11 12.90 11.11
N SER B 117 11.89 12.58 11.58
CA SER B 117 10.76 12.11 10.72
C SER B 117 10.37 13.23 9.75
N ILE B 118 10.25 12.91 8.46
CA ILE B 118 9.87 13.86 7.37
C ILE B 118 8.34 13.86 7.22
N ILE B 119 7.64 12.92 7.86
CA ILE B 119 6.15 12.80 7.81
C ILE B 119 5.55 14.05 8.45
N GLY B 120 4.69 14.76 7.70
CA GLY B 120 4.02 16.00 8.16
C GLY B 120 4.84 17.24 7.87
N ARG B 121 6.02 17.09 7.28
CA ARG B 121 6.87 18.21 6.81
C ARG B 121 6.43 18.59 5.39
N SER B 122 7.00 19.65 4.82
CA SER B 122 6.67 20.17 3.47
C SER B 122 7.83 19.94 2.51
N MET B 123 7.53 19.65 1.24
CA MET B 123 8.46 19.75 0.09
C MET B 123 8.31 21.14 -0.52
N ILE B 124 9.42 21.81 -0.83
CA ILE B 124 9.45 23.13 -1.52
C ILE B 124 10.38 23.03 -2.73
N VAL B 125 9.88 23.42 -3.90
CA VAL B 125 10.71 23.61 -5.14
C VAL B 125 10.93 25.12 -5.30
N HIS B 126 12.18 25.52 -5.55
CA HIS B 126 12.61 26.94 -5.65
C HIS B 126 12.70 27.35 -7.12
N LYS B 127 12.68 28.66 -7.38
CA LYS B 127 12.76 29.26 -8.75
C LYS B 127 14.17 29.06 -9.31
N ASN B 128 15.20 29.32 -8.50
CA ASN B 128 16.62 29.31 -8.92
C ASN B 128 17.31 28.05 -8.38
N GLU B 129 18.55 27.83 -8.82
CA GLU B 129 19.41 26.69 -8.41
C GLU B 129 19.85 26.89 -6.95
N ASP B 130 19.90 25.79 -6.19
CA ASP B 130 20.57 25.70 -4.87
C ASP B 130 22.06 25.46 -5.12
N ASP B 131 22.91 26.45 -4.82
CA ASP B 131 24.38 26.42 -5.10
C ASP B 131 25.09 25.50 -4.10
N LEU B 132 24.40 25.12 -3.01
CA LEU B 132 24.87 24.12 -1.99
C LEU B 132 25.99 24.73 -1.12
N LYS B 133 26.21 26.04 -1.21
CA LYS B 133 27.32 26.75 -0.50
C LYS B 133 26.73 27.87 0.39
N THR B 134 25.98 28.78 -0.21
CA THR B 134 25.40 29.99 0.45
C THR B 134 24.50 29.54 1.62
N GLN B 135 24.49 30.32 2.71
CA GLN B 135 23.74 30.02 3.96
C GLN B 135 22.64 31.04 4.15
N PRO B 136 21.45 30.65 4.70
CA PRO B 136 21.13 29.27 5.04
C PRO B 136 20.35 28.49 3.96
N THR B 137 20.16 29.10 2.79
CA THR B 137 19.20 28.67 1.74
C THR B 137 19.90 28.06 0.52
N GLY B 138 21.15 28.48 0.24
CA GLY B 138 21.87 28.14 -1.01
C GLY B 138 21.48 29.09 -2.14
N ASN B 139 20.90 30.25 -1.80
CA ASN B 139 20.49 31.33 -2.74
C ASN B 139 19.52 30.78 -3.78
N ALA B 140 18.65 29.84 -3.37
CA ALA B 140 17.64 29.18 -4.23
C ALA B 140 16.54 30.16 -4.61
N GLY B 141 16.28 31.16 -3.76
CA GLY B 141 15.33 32.26 -4.03
C GLY B 141 13.89 31.84 -3.79
N ALA B 142 12.97 32.40 -4.59
CA ALA B 142 11.50 32.29 -4.43
C ALA B 142 11.06 30.82 -4.52
N ARG B 143 9.93 30.51 -3.89
CA ARG B 143 9.32 29.15 -3.84
C ARG B 143 8.23 29.07 -4.91
N VAL B 144 8.32 28.07 -5.80
CA VAL B 144 7.42 27.95 -7.00
C VAL B 144 6.35 26.88 -6.74
N ALA B 145 6.61 25.92 -5.84
CA ALA B 145 5.66 24.85 -5.48
C ALA B 145 5.86 24.42 -4.02
N CYS B 146 4.76 23.98 -3.39
CA CYS B 146 4.70 23.49 -1.99
C CYS B 146 3.86 22.22 -1.94
N GLY B 147 4.18 21.31 -1.01
CA GLY B 147 3.41 20.08 -0.75
C GLY B 147 3.76 19.51 0.61
N VAL B 148 2.82 18.78 1.23
CA VAL B 148 2.99 18.13 2.56
C VAL B 148 3.27 16.65 2.34
N ILE B 149 4.25 16.10 3.06
CA ILE B 149 4.65 14.66 3.03
C ILE B 149 3.69 13.89 3.93
N GLY B 150 2.99 12.90 3.35
CA GLY B 150 2.02 12.05 4.07
C GLY B 150 2.45 10.59 4.12
N ILE B 151 1.79 9.80 4.96
CA ILE B 151 2.05 8.35 5.14
C ILE B 151 1.46 7.59 3.94
N GLY B 152 2.24 6.68 3.34
CA GLY B 152 1.83 5.85 2.19
C GLY B 152 1.04 4.63 2.63
N LYS C 5 -11.40 -19.83 -19.53
CA LYS C 5 -11.65 -19.13 -18.23
C LYS C 5 -11.14 -20.01 -17.08
N THR C 6 -10.71 -19.38 -15.98
CA THR C 6 -10.26 -20.06 -14.73
C THR C 6 -11.47 -20.73 -14.08
N GLN C 7 -11.42 -22.06 -13.88
CA GLN C 7 -12.51 -22.88 -13.32
C GLN C 7 -12.25 -23.18 -11.84
N LYS C 8 -10.98 -23.25 -11.43
CA LYS C 8 -10.55 -23.66 -10.07
C LYS C 8 -9.60 -22.60 -9.50
N ALA C 9 -9.56 -22.49 -8.16
CA ALA C 9 -8.57 -21.68 -7.41
C ALA C 9 -8.13 -22.46 -6.17
N VAL C 10 -6.85 -22.37 -5.81
CA VAL C 10 -6.22 -23.11 -4.67
C VAL C 10 -5.49 -22.10 -3.79
N CYS C 11 -5.53 -22.31 -2.47
CA CYS C 11 -4.87 -21.46 -1.44
C CYS C 11 -4.37 -22.34 -0.29
N VAL C 12 -3.04 -22.47 -0.16
CA VAL C 12 -2.37 -23.12 1.00
C VAL C 12 -2.14 -22.05 2.07
N ILE C 13 -2.78 -22.18 3.23
CA ILE C 13 -2.57 -21.26 4.39
C ILE C 13 -1.41 -21.82 5.23
N TYR C 14 -0.48 -20.95 5.60
CA TYR C 14 0.64 -21.23 6.53
C TYR C 14 0.41 -20.39 7.79
N PRO C 15 0.96 -20.79 8.95
CA PRO C 15 0.70 -20.08 10.20
C PRO C 15 1.46 -18.75 10.30
N THR C 16 0.92 -17.82 11.09
CA THR C 16 1.62 -16.59 11.56
C THR C 16 2.46 -16.95 12.79
N GLN C 17 3.31 -16.03 13.25
CA GLN C 17 4.27 -16.27 14.36
C GLN C 17 3.51 -16.80 15.58
N ASP C 18 3.99 -17.90 16.17
CA ASP C 18 3.48 -18.51 17.43
C ASP C 18 2.15 -19.22 17.18
N TYR C 19 1.97 -19.83 16.00
CA TYR C 19 0.80 -20.68 15.64
C TYR C 19 1.26 -21.82 14.74
N LYS C 20 0.48 -22.90 14.69
CA LYS C 20 0.75 -24.12 13.88
C LYS C 20 -0.42 -24.37 12.92
N VAL C 21 -1.23 -23.34 12.64
CA VAL C 21 -2.42 -23.43 11.74
C VAL C 21 -1.95 -23.55 10.29
N THR C 22 -2.22 -24.69 9.65
CA THR C 22 -1.95 -24.97 8.22
C THR C 22 -3.17 -25.63 7.59
N GLY C 23 -3.26 -25.63 6.26
CA GLY C 23 -4.34 -26.30 5.51
C GLY C 23 -4.39 -25.90 4.05
N VAL C 24 -5.38 -26.43 3.33
CA VAL C 24 -5.62 -26.16 1.89
C VAL C 24 -7.10 -25.76 1.73
N ILE C 25 -7.35 -24.75 0.88
CA ILE C 25 -8.71 -24.26 0.50
C ILE C 25 -8.80 -24.30 -1.02
N THR C 26 -9.82 -24.96 -1.58
CA THR C 26 -10.11 -25.00 -3.04
C THR C 26 -11.41 -24.23 -3.30
N PHE C 27 -11.43 -23.43 -4.37
CA PHE C 27 -12.62 -22.74 -4.92
C PHE C 27 -12.91 -23.31 -6.31
N THR C 28 -13.97 -24.11 -6.43
CA THR C 28 -14.38 -24.78 -7.69
C THR C 28 -15.68 -24.15 -8.19
N LYS C 29 -15.77 -23.90 -9.50
CA LYS C 29 -16.98 -23.34 -10.16
C LYS C 29 -18.03 -24.44 -10.26
N SER C 30 -19.25 -24.16 -9.78
CA SER C 30 -20.47 -25.01 -9.94
C SER C 30 -21.58 -24.18 -10.60
N ASP C 31 -22.70 -24.82 -10.96
CA ASP C 31 -23.82 -24.20 -11.71
C ASP C 31 -24.29 -22.92 -10.99
N ASP C 32 -24.63 -23.03 -9.70
CA ASP C 32 -25.26 -21.93 -8.91
C ASP C 32 -24.23 -21.36 -7.92
N GLY C 33 -23.02 -21.06 -8.40
CA GLY C 33 -22.01 -20.26 -7.66
C GLY C 33 -20.63 -20.92 -7.66
N VAL C 34 -19.85 -20.69 -6.61
CA VAL C 34 -18.46 -21.22 -6.42
C VAL C 34 -18.43 -22.06 -5.13
N LYS C 35 -18.08 -23.35 -5.25
CA LYS C 35 -17.97 -24.30 -4.12
C LYS C 35 -16.66 -24.03 -3.37
N VAL C 36 -16.75 -23.59 -2.11
CA VAL C 36 -15.59 -23.39 -1.20
C VAL C 36 -15.44 -24.65 -0.34
N VAL C 37 -14.26 -25.28 -0.37
CA VAL C 37 -13.91 -26.48 0.45
C VAL C 37 -12.59 -26.17 1.17
N ALA C 38 -12.59 -26.21 2.50
CA ALA C 38 -11.46 -25.84 3.37
C ALA C 38 -11.19 -26.97 4.37
N ASP C 39 -9.91 -27.37 4.51
CA ASP C 39 -9.43 -28.42 5.44
C ASP C 39 -8.20 -27.87 6.18
N LEU C 40 -8.35 -27.51 7.46
CA LEU C 40 -7.29 -26.89 8.29
C LEU C 40 -6.93 -27.81 9.46
N ASN C 41 -5.73 -27.60 10.02
CA ASN C 41 -5.23 -28.27 11.26
C ASN C 41 -4.52 -27.23 12.13
N GLY C 42 -4.35 -27.52 13.41
CA GLY C 42 -3.61 -26.68 14.37
C GLY C 42 -4.39 -25.46 14.82
N LEU C 43 -5.71 -25.46 14.61
CA LEU C 43 -6.64 -24.42 15.13
C LEU C 43 -7.06 -24.80 16.55
N SER C 44 -7.25 -23.82 17.43
CA SER C 44 -7.88 -24.03 18.76
C SER C 44 -9.33 -24.44 18.55
N PRO C 45 -9.90 -25.34 19.39
CA PRO C 45 -11.31 -25.71 19.28
C PRO C 45 -12.22 -24.48 19.29
N GLY C 46 -13.21 -24.44 18.38
CA GLY C 46 -14.20 -23.36 18.29
C GLY C 46 -14.23 -22.71 16.92
N LYS C 47 -15.04 -21.65 16.78
CA LYS C 47 -15.24 -20.91 15.51
C LYS C 47 -14.11 -19.90 15.33
N HIS C 48 -13.60 -19.78 14.10
CA HIS C 48 -12.48 -18.86 13.72
C HIS C 48 -12.92 -18.03 12.52
N GLY C 49 -12.66 -16.71 12.57
CA GLY C 49 -12.86 -15.78 11.44
C GLY C 49 -12.14 -16.27 10.20
N PHE C 50 -12.83 -16.24 9.05
CA PHE C 50 -12.40 -16.84 7.78
C PHE C 50 -12.79 -15.88 6.65
N HIS C 51 -11.82 -15.14 6.11
CA HIS C 51 -12.04 -14.01 5.17
C HIS C 51 -11.02 -14.03 4.03
N ILE C 52 -11.39 -13.43 2.89
CA ILE C 52 -10.46 -13.02 1.79
C ILE C 52 -10.08 -11.55 2.04
N HIS C 53 -8.78 -11.26 2.14
CA HIS C 53 -8.23 -9.90 2.40
C HIS C 53 -7.68 -9.31 1.09
N GLU C 54 -7.64 -7.98 0.98
CA GLU C 54 -7.44 -7.25 -0.30
C GLU C 54 -6.03 -7.50 -0.87
N CYS C 55 -4.99 -7.52 -0.02
CA CYS C 55 -3.57 -7.69 -0.43
C CYS C 55 -3.17 -9.17 -0.28
N GLY C 56 -2.55 -9.74 -1.32
CA GLY C 56 -2.01 -11.12 -1.35
C GLY C 56 -0.57 -11.15 -0.85
N ASP C 57 -0.35 -10.66 0.37
CA ASP C 57 0.99 -10.48 0.99
C ASP C 57 0.97 -11.13 2.39
N CYS C 58 1.64 -12.27 2.54
CA CYS C 58 1.76 -13.03 3.81
C CYS C 58 3.21 -12.97 4.31
N SER C 59 3.92 -11.88 4.00
CA SER C 59 5.36 -11.69 4.33
C SER C 59 5.53 -11.25 5.79
N ALA C 60 4.49 -10.67 6.39
CA ALA C 60 4.47 -10.21 7.80
C ALA C 60 4.32 -11.41 8.74
N SER C 61 4.99 -11.35 9.90
CA SER C 61 4.95 -12.38 10.96
C SER C 61 3.53 -12.50 11.54
N ASP C 62 2.79 -11.39 11.61
CA ASP C 62 1.45 -11.32 12.27
C ASP C 62 0.33 -11.25 11.22
N GLY C 63 0.67 -11.37 9.93
CA GLY C 63 -0.29 -11.42 8.81
C GLY C 63 -0.94 -10.07 8.52
N THR C 64 -0.38 -8.98 9.06
CA THR C 64 -0.89 -7.59 8.90
C THR C 64 -0.76 -7.13 7.44
N SER C 65 0.19 -7.73 6.70
CA SER C 65 0.53 -7.37 5.30
C SER C 65 -0.62 -7.75 4.34
N ALA C 66 -1.54 -8.63 4.78
CA ALA C 66 -2.75 -9.03 4.02
C ALA C 66 -3.71 -7.85 3.89
N GLY C 67 -3.61 -6.87 4.80
CA GLY C 67 -4.46 -5.66 4.80
C GLY C 67 -5.87 -5.97 5.26
N GLY C 68 -6.83 -5.15 4.85
CA GLY C 68 -8.26 -5.26 5.25
C GLY C 68 -8.99 -6.33 4.44
N HIS C 69 -10.27 -6.53 4.77
CA HIS C 69 -11.19 -7.47 4.07
C HIS C 69 -11.36 -7.01 2.62
N PHE C 70 -11.25 -7.93 1.66
CA PHE C 70 -11.41 -7.64 0.20
C PHE C 70 -12.83 -7.11 -0.03
N ASN C 71 -12.95 -5.79 -0.16
CA ASN C 71 -14.24 -5.04 -0.20
C ASN C 71 -14.20 -4.03 -1.34
N PRO C 72 -14.22 -4.48 -2.62
CA PRO C 72 -14.14 -3.58 -3.77
C PRO C 72 -15.42 -2.78 -4.05
N GLU C 73 -16.52 -3.07 -3.34
CA GLU C 73 -17.84 -2.40 -3.49
C GLU C 73 -18.07 -1.41 -2.34
N GLU C 74 -17.15 -1.35 -1.37
CA GLU C 74 -17.21 -0.43 -0.19
C GLU C 74 -18.47 -0.70 0.63
N LYS C 75 -18.86 -1.98 0.76
CA LYS C 75 -20.06 -2.42 1.55
C LYS C 75 -19.65 -2.66 3.01
N SER C 76 -20.61 -2.98 3.87
CA SER C 76 -20.41 -3.27 5.32
C SER C 76 -19.98 -4.73 5.49
N HIS C 77 -19.42 -5.06 6.66
CA HIS C 77 -19.07 -6.44 7.07
C HIS C 77 -20.35 -7.21 7.41
N GLY C 78 -20.44 -8.47 6.98
CA GLY C 78 -21.60 -9.35 7.22
C GLY C 78 -21.24 -10.82 7.08
N ALA C 79 -22.27 -11.67 7.00
CA ALA C 79 -22.16 -13.14 6.83
C ALA C 79 -22.21 -13.48 5.35
N PRO C 80 -21.78 -14.69 4.94
CA PRO C 80 -21.86 -15.11 3.54
C PRO C 80 -23.29 -15.07 2.95
N MET C 81 -24.29 -15.43 3.76
CA MET C 81 -25.72 -15.51 3.34
C MET C 81 -26.30 -14.09 3.17
N ASP C 82 -25.71 -13.10 3.86
CA ASP C 82 -26.16 -11.67 3.81
C ASP C 82 -25.88 -11.08 2.42
N MET C 83 -26.70 -10.12 1.98
CA MET C 83 -26.49 -9.32 0.75
C MET C 83 -25.50 -8.20 1.05
N SER C 84 -25.73 -7.45 2.14
CA SER C 84 -24.80 -6.45 2.71
C SER C 84 -23.58 -7.17 3.32
N ARG C 85 -22.55 -7.43 2.51
CA ARG C 85 -21.30 -8.14 2.91
C ARG C 85 -20.14 -7.67 2.03
N HIS C 86 -18.90 -7.85 2.52
CA HIS C 86 -17.65 -7.74 1.72
C HIS C 86 -17.55 -8.97 0.81
N ILE C 87 -16.90 -8.84 -0.34
CA ILE C 87 -16.68 -9.95 -1.33
C ILE C 87 -15.97 -11.10 -0.59
N GLY C 88 -15.10 -10.77 0.38
CA GLY C 88 -14.31 -11.74 1.15
C GLY C 88 -14.87 -12.00 2.54
N ASP C 89 -16.20 -12.01 2.69
CA ASP C 89 -16.90 -12.42 3.94
C ASP C 89 -17.34 -13.88 3.79
N LEU C 90 -16.47 -14.83 4.12
CA LEU C 90 -16.71 -16.29 4.07
C LEU C 90 -17.09 -16.80 5.47
N GLY C 91 -17.49 -15.89 6.37
CA GLY C 91 -18.01 -16.20 7.70
C GLY C 91 -16.95 -16.79 8.62
N ASN C 92 -17.27 -17.91 9.28
CA ASN C 92 -16.38 -18.62 10.24
C ASN C 92 -16.06 -20.02 9.72
N ILE C 93 -14.91 -20.56 10.15
CA ILE C 93 -14.57 -22.00 10.03
C ILE C 93 -14.45 -22.55 11.46
N THR C 94 -14.97 -23.75 11.69
CA THR C 94 -15.11 -24.37 13.04
C THR C 94 -14.12 -25.53 13.16
N ALA C 95 -13.25 -25.46 14.19
CA ALA C 95 -12.28 -26.52 14.55
C ALA C 95 -12.88 -27.39 15.65
N ASP C 96 -12.72 -28.71 15.54
CA ASP C 96 -13.20 -29.71 16.53
C ASP C 96 -12.21 -29.77 17.70
N GLU C 97 -12.44 -30.67 18.65
CA GLU C 97 -11.61 -30.86 19.87
C GLU C 97 -10.17 -31.24 19.48
N ASN C 98 -9.98 -31.84 18.30
CA ASN C 98 -8.66 -32.31 17.81
C ASN C 98 -7.95 -31.20 17.00
N GLY C 99 -8.63 -30.06 16.78
CA GLY C 99 -8.07 -28.89 16.06
C GLY C 99 -8.21 -29.01 14.54
N LYS C 100 -8.84 -30.08 14.06
CA LYS C 100 -9.20 -30.28 12.63
C LYS C 100 -10.44 -29.43 12.34
N ALA C 101 -10.46 -28.76 11.18
CA ALA C 101 -11.59 -27.91 10.73
C ALA C 101 -11.88 -28.19 9.25
N HIS C 102 -13.10 -28.66 8.95
CA HIS C 102 -13.64 -28.83 7.58
C HIS C 102 -14.77 -27.81 7.38
N LEU C 103 -14.94 -27.34 6.14
CA LEU C 103 -15.97 -26.35 5.74
C LEU C 103 -16.19 -26.45 4.23
N GLU C 104 -17.43 -26.71 3.80
CA GLU C 104 -17.81 -26.69 2.37
C GLU C 104 -19.18 -26.02 2.23
N TYR C 105 -19.29 -25.08 1.29
CA TYR C 105 -20.53 -24.34 0.97
C TYR C 105 -20.40 -23.68 -0.41
N ILE C 106 -21.52 -23.19 -0.95
CA ILE C 106 -21.61 -22.51 -2.28
C ILE C 106 -21.68 -21.00 -2.04
N ASP C 107 -20.63 -20.27 -2.40
CA ASP C 107 -20.57 -18.78 -2.35
C ASP C 107 -21.00 -18.23 -3.72
N LYS C 108 -21.99 -17.33 -3.73
CA LYS C 108 -22.64 -16.80 -4.96
C LYS C 108 -22.01 -15.46 -5.36
N MET C 109 -21.06 -14.95 -4.57
CA MET C 109 -20.45 -13.61 -4.77
C MET C 109 -19.08 -13.73 -5.46
N ILE C 110 -18.22 -14.64 -4.99
CA ILE C 110 -16.80 -14.74 -5.43
C ILE C 110 -16.73 -15.23 -6.87
N VAL C 111 -15.75 -14.72 -7.63
CA VAL C 111 -15.45 -15.08 -9.05
C VAL C 111 -13.93 -15.07 -9.24
N PHE C 112 -13.45 -15.54 -10.40
CA PHE C 112 -12.01 -15.75 -10.71
C PHE C 112 -11.54 -14.81 -11.82
N GLU C 113 -12.27 -13.71 -12.06
CA GLU C 113 -11.95 -12.72 -13.13
C GLU C 113 -12.82 -11.47 -12.96
N GLY C 114 -12.24 -10.29 -13.19
CA GLY C 114 -12.93 -8.98 -13.13
C GLY C 114 -12.57 -8.18 -11.90
N GLU C 115 -13.36 -7.15 -11.60
CA GLU C 115 -13.21 -6.22 -10.44
C GLU C 115 -13.20 -7.03 -9.14
N HIS C 116 -14.04 -8.07 -9.05
CA HIS C 116 -14.30 -8.85 -7.81
C HIS C 116 -13.52 -10.17 -7.82
N SER C 117 -12.50 -10.31 -8.67
CA SER C 117 -11.64 -11.52 -8.77
C SER C 117 -10.90 -11.73 -7.44
N ILE C 118 -10.96 -12.96 -6.91
CA ILE C 118 -10.28 -13.35 -5.63
C ILE C 118 -8.86 -13.85 -5.94
N ILE C 119 -8.54 -14.08 -7.21
CA ILE C 119 -7.20 -14.57 -7.66
C ILE C 119 -6.16 -13.49 -7.31
N GLY C 120 -5.13 -13.86 -6.56
CA GLY C 120 -4.04 -12.97 -6.12
C GLY C 120 -4.35 -12.27 -4.81
N ARG C 121 -5.54 -12.52 -4.24
CA ARG C 121 -5.93 -12.03 -2.90
C ARG C 121 -5.42 -13.03 -1.85
N SER C 122 -5.58 -12.71 -0.57
CA SER C 122 -5.12 -13.55 0.57
C SER C 122 -6.31 -14.12 1.32
N MET C 123 -6.17 -15.36 1.83
CA MET C 123 -7.04 -15.97 2.86
C MET C 123 -6.41 -15.69 4.22
N ILE C 124 -7.21 -15.27 5.20
CA ILE C 124 -6.78 -15.03 6.61
C ILE C 124 -7.72 -15.80 7.55
N VAL C 125 -7.15 -16.61 8.43
CA VAL C 125 -7.87 -17.28 9.56
C VAL C 125 -7.54 -16.48 10.83
N HIS C 126 -8.57 -16.11 11.60
CA HIS C 126 -8.45 -15.26 12.82
C HIS C 126 -8.42 -16.15 14.07
N LYS C 127 -7.94 -15.61 15.18
CA LYS C 127 -7.84 -16.31 16.49
C LYS C 127 -9.24 -16.52 17.08
N ASN C 128 -10.08 -15.49 17.04
CA ASN C 128 -11.43 -15.46 17.66
C ASN C 128 -12.51 -15.61 16.59
N GLU C 129 -13.76 -15.77 17.03
CA GLU C 129 -14.97 -15.90 16.18
C GLU C 129 -15.27 -14.56 15.52
N ASP C 130 -15.70 -14.58 14.26
CA ASP C 130 -16.32 -13.44 13.53
C ASP C 130 -17.82 -13.42 13.90
N ASP C 131 -18.26 -12.42 14.66
CA ASP C 131 -19.65 -12.32 15.21
C ASP C 131 -20.62 -11.91 14.10
N LEU C 132 -20.09 -11.44 12.96
CA LEU C 132 -20.85 -11.11 11.71
C LEU C 132 -21.67 -9.84 11.90
N LYS C 133 -21.44 -9.08 12.98
CA LYS C 133 -22.20 -7.86 13.36
C LYS C 133 -21.24 -6.67 13.47
N THR C 134 -20.22 -6.77 14.33
CA THR C 134 -19.24 -5.70 14.64
C THR C 134 -18.53 -5.25 13.35
N GLN C 135 -18.23 -3.95 13.24
CA GLN C 135 -17.63 -3.32 12.04
C GLN C 135 -16.22 -2.83 12.39
N PRO C 136 -15.24 -2.90 11.46
CA PRO C 136 -15.42 -3.51 10.14
C PRO C 136 -14.97 -4.98 10.04
N THR C 137 -14.61 -5.59 11.18
CA THR C 137 -13.87 -6.88 11.26
C THR C 137 -14.76 -8.03 11.75
N GLY C 138 -15.79 -7.73 12.56
CA GLY C 138 -16.60 -8.72 13.28
C GLY C 138 -15.93 -9.16 14.58
N ASN C 139 -14.97 -8.36 15.07
CA ASN C 139 -14.23 -8.57 16.34
C ASN C 139 -13.50 -9.92 16.30
N ALA C 140 -13.01 -10.34 15.14
CA ALA C 140 -12.32 -11.63 14.90
C ALA C 140 -10.94 -11.63 15.58
N GLY C 141 -10.33 -10.45 15.71
CA GLY C 141 -9.05 -10.27 16.43
C GLY C 141 -7.85 -10.68 15.59
N ALA C 142 -6.80 -11.18 16.24
CA ALA C 142 -5.47 -11.49 15.67
C ALA C 142 -5.58 -12.54 14.55
N ARG C 143 -4.62 -12.52 13.63
CA ARG C 143 -4.55 -13.43 12.45
C ARG C 143 -3.60 -14.58 12.78
N VAL C 144 -4.07 -15.83 12.65
CA VAL C 144 -3.31 -17.06 13.05
C VAL C 144 -2.71 -17.73 11.81
N ALA C 145 -3.26 -17.51 10.62
CA ALA C 145 -2.76 -18.09 9.35
C ALA C 145 -3.04 -17.15 8.18
N CYS C 146 -2.18 -17.19 7.16
CA CYS C 146 -2.25 -16.41 5.90
C CYS C 146 -1.95 -17.33 4.72
N GLY C 147 -2.54 -17.03 3.55
CA GLY C 147 -2.27 -17.73 2.28
C GLY C 147 -2.75 -16.91 1.11
N VAL C 148 -2.12 -17.07 -0.06
CA VAL C 148 -2.48 -16.36 -1.32
C VAL C 148 -3.28 -17.32 -2.21
N ILE C 149 -4.37 -16.82 -2.80
CA ILE C 149 -5.27 -17.57 -3.72
C ILE C 149 -4.63 -17.57 -5.12
N GLY C 150 -4.35 -18.76 -5.66
CA GLY C 150 -3.74 -18.93 -6.99
C GLY C 150 -4.67 -19.62 -7.96
N ILE C 151 -4.32 -19.60 -9.26
CA ILE C 151 -5.11 -20.24 -10.36
C ILE C 151 -4.87 -21.76 -10.30
N GLY C 152 -5.95 -22.54 -10.29
CA GLY C 152 -5.92 -24.02 -10.26
C GLY C 152 -6.24 -24.62 -11.61
N LYS C 153 -6.30 -25.95 -11.69
CA LYS C 153 -6.63 -26.71 -12.94
C LYS C 153 -7.51 -27.91 -12.60
N LYS D 5 -4.93 0.23 -11.11
CA LYS D 5 -4.14 -0.89 -11.70
C LYS D 5 -3.10 -1.37 -10.66
N THR D 6 -2.80 -2.66 -10.66
CA THR D 6 -1.86 -3.32 -9.72
C THR D 6 -0.43 -2.85 -10.04
N GLN D 7 0.25 -2.24 -9.07
CA GLN D 7 1.62 -1.66 -9.22
C GLN D 7 2.68 -2.61 -8.64
N LYS D 8 2.30 -3.41 -7.63
CA LYS D 8 3.22 -4.30 -6.87
C LYS D 8 2.65 -5.72 -6.87
N ALA D 9 3.51 -6.73 -6.76
CA ALA D 9 3.15 -8.14 -6.53
C ALA D 9 4.13 -8.76 -5.53
N VAL D 10 3.64 -9.62 -4.64
CA VAL D 10 4.44 -10.27 -3.55
C VAL D 10 4.20 -11.78 -3.61
N CYS D 11 5.24 -12.56 -3.35
CA CYS D 11 5.23 -14.04 -3.33
C CYS D 11 6.16 -14.55 -2.23
N VAL D 12 5.59 -15.16 -1.18
CA VAL D 12 6.33 -15.89 -0.11
C VAL D 12 6.48 -17.34 -0.55
N ILE D 13 7.71 -17.80 -0.78
CA ILE D 13 8.00 -19.23 -1.13
C ILE D 13 8.20 -20.00 0.19
N TYR D 14 7.55 -21.16 0.29
CA TYR D 14 7.71 -22.14 1.40
C TYR D 14 8.36 -23.39 0.81
N PRO D 15 9.06 -24.21 1.63
CA PRO D 15 9.78 -25.37 1.09
C PRO D 15 8.84 -26.53 0.73
N THR D 16 9.28 -27.38 -0.20
CA THR D 16 8.67 -28.70 -0.51
C THR D 16 9.24 -29.72 0.48
N GLN D 17 8.69 -30.94 0.50
CA GLN D 17 9.05 -32.01 1.47
C GLN D 17 10.57 -32.23 1.43
N ASP D 18 11.21 -32.24 2.60
CA ASP D 18 12.66 -32.56 2.78
C ASP D 18 13.53 -31.39 2.31
N TYR D 19 13.08 -30.14 2.48
CA TYR D 19 13.84 -28.90 2.17
C TYR D 19 13.47 -27.80 3.18
N LYS D 20 14.36 -26.82 3.34
CA LYS D 20 14.21 -25.70 4.32
C LYS D 20 14.21 -24.35 3.57
N VAL D 21 14.00 -24.37 2.25
CA VAL D 21 14.07 -23.17 1.36
C VAL D 21 12.83 -22.30 1.61
N THR D 22 13.04 -21.09 2.14
CA THR D 22 12.00 -20.05 2.35
C THR D 22 12.52 -18.70 1.85
N GLY D 23 11.63 -17.73 1.64
CA GLY D 23 12.00 -16.36 1.24
C GLY D 23 10.82 -15.56 0.73
N VAL D 24 11.09 -14.32 0.32
CA VAL D 24 10.09 -13.36 -0.23
C VAL D 24 10.60 -12.83 -1.57
N ILE D 25 9.71 -12.70 -2.54
CA ILE D 25 9.97 -12.13 -3.90
C ILE D 25 8.95 -11.00 -4.14
N THR D 26 9.42 -9.79 -4.46
CA THR D 26 8.55 -8.64 -4.82
C THR D 26 8.74 -8.32 -6.30
N PHE D 27 7.65 -8.01 -6.99
CA PHE D 27 7.60 -7.51 -8.39
C PHE D 27 7.03 -6.09 -8.36
N THR D 28 7.87 -5.09 -8.60
CA THR D 28 7.51 -3.64 -8.59
C THR D 28 7.58 -3.11 -10.01
N LYS D 29 6.57 -2.32 -10.42
CA LYS D 29 6.50 -1.66 -11.75
C LYS D 29 7.49 -0.48 -11.76
N SER D 30 8.37 -0.44 -12.75
CA SER D 30 9.31 0.68 -13.03
C SER D 30 9.12 1.16 -14.47
N ASP D 31 9.79 2.26 -14.86
CA ASP D 31 9.62 2.92 -16.18
C ASP D 31 9.81 1.90 -17.31
N ASP D 32 10.95 1.20 -17.33
CA ASP D 32 11.36 0.32 -18.44
C ASP D 32 11.23 -1.15 -18.00
N GLY D 33 10.10 -1.52 -17.39
CA GLY D 33 9.72 -2.93 -17.14
C GLY D 33 9.25 -3.16 -15.71
N VAL D 34 9.47 -4.37 -15.18
CA VAL D 34 9.08 -4.79 -13.80
C VAL D 34 10.35 -5.22 -13.05
N LYS D 35 10.64 -4.56 -11.92
CA LYS D 35 11.79 -4.85 -11.04
C LYS D 35 11.49 -6.10 -10.20
N VAL D 36 12.24 -7.19 -10.42
CA VAL D 36 12.16 -8.45 -9.62
C VAL D 36 13.24 -8.37 -8.53
N VAL D 37 12.85 -8.52 -7.27
CA VAL D 37 13.77 -8.55 -6.08
C VAL D 37 13.42 -9.80 -5.26
N ALA D 38 14.39 -10.70 -5.08
CA ALA D 38 14.22 -12.02 -4.42
C ALA D 38 15.26 -12.18 -3.31
N ASP D 39 14.84 -12.60 -2.12
CA ASP D 39 15.69 -12.88 -0.94
C ASP D 39 15.28 -14.24 -0.35
N LEU D 40 16.11 -15.27 -0.55
CA LEU D 40 15.84 -16.67 -0.12
C LEU D 40 16.88 -17.12 0.91
N ASN D 41 16.53 -18.15 1.68
CA ASN D 41 17.40 -18.84 2.66
C ASN D 41 17.17 -20.36 2.56
N GLY D 42 18.12 -21.16 3.06
CA GLY D 42 18.01 -22.63 3.12
C GLY D 42 18.23 -23.29 1.77
N LEU D 43 18.80 -22.58 0.80
CA LEU D 43 19.23 -23.13 -0.52
C LEU D 43 20.64 -23.71 -0.36
N SER D 44 20.94 -24.80 -1.07
CA SER D 44 22.31 -25.34 -1.20
C SER D 44 23.16 -24.33 -1.97
N PRO D 45 24.46 -24.16 -1.63
CA PRO D 45 25.32 -23.24 -2.38
C PRO D 45 25.31 -23.55 -3.89
N GLY D 46 25.19 -22.52 -4.72
CA GLY D 46 25.22 -22.62 -6.19
C GLY D 46 23.97 -22.04 -6.84
N LYS D 47 23.86 -22.20 -8.16
CA LYS D 47 22.76 -21.64 -8.99
C LYS D 47 21.54 -22.57 -8.91
N HIS D 48 20.34 -22.00 -8.79
CA HIS D 48 19.05 -22.73 -8.68
C HIS D 48 18.06 -22.19 -9.71
N GLY D 49 17.37 -23.08 -10.44
CA GLY D 49 16.27 -22.74 -11.36
C GLY D 49 15.22 -21.91 -10.66
N PHE D 50 14.77 -20.82 -11.30
CA PHE D 50 13.89 -19.78 -10.74
C PHE D 50 12.89 -19.37 -11.82
N HIS D 51 11.64 -19.84 -11.70
CA HIS D 51 10.59 -19.73 -12.77
C HIS D 51 9.23 -19.37 -12.16
N ILE D 52 8.36 -18.76 -12.98
CA ILE D 52 6.89 -18.65 -12.74
C ILE D 52 6.21 -19.81 -13.46
N HIS D 53 5.43 -20.62 -12.73
CA HIS D 53 4.71 -21.81 -13.24
C HIS D 53 3.21 -21.47 -13.42
N GLU D 54 2.53 -22.18 -14.32
CA GLU D 54 1.19 -21.79 -14.86
C GLU D 54 0.13 -21.88 -13.76
N CYS D 55 0.16 -22.90 -12.91
CA CYS D 55 -0.84 -23.12 -11.83
C CYS D 55 -0.30 -22.57 -10.50
N GLY D 56 -1.13 -21.79 -9.79
CA GLY D 56 -0.85 -21.23 -8.46
C GLY D 56 -1.28 -22.18 -7.36
N ASP D 57 -0.75 -23.41 -7.39
CA ASP D 57 -1.15 -24.54 -6.50
C ASP D 57 0.13 -25.13 -5.90
N CYS D 58 0.37 -24.87 -4.61
CA CYS D 58 1.53 -25.39 -3.83
C CYS D 58 1.04 -26.40 -2.79
N SER D 59 -0.04 -27.12 -3.08
CA SER D 59 -0.71 -28.09 -2.16
C SER D 59 0.04 -29.43 -2.16
N ALA D 60 0.78 -29.72 -3.23
CA ALA D 60 1.59 -30.96 -3.39
C ALA D 60 2.86 -30.85 -2.54
N SER D 61 3.30 -31.98 -1.97
CA SER D 61 4.52 -32.11 -1.13
C SER D 61 5.77 -31.82 -1.98
N ASP D 62 5.76 -32.17 -3.26
CA ASP D 62 6.92 -32.10 -4.19
C ASP D 62 6.78 -30.93 -5.16
N GLY D 63 5.72 -30.11 -5.00
CA GLY D 63 5.49 -28.88 -5.78
C GLY D 63 5.07 -29.17 -7.22
N THR D 64 4.65 -30.41 -7.51
CA THR D 64 4.22 -30.86 -8.86
C THR D 64 2.91 -30.16 -9.26
N SER D 65 2.12 -29.73 -8.28
CA SER D 65 0.78 -29.10 -8.46
C SER D 65 0.92 -27.71 -9.12
N ALA D 66 2.11 -27.12 -9.10
CA ALA D 66 2.43 -25.83 -9.77
C ALA D 66 2.36 -26.00 -11.29
N GLY D 67 2.51 -27.23 -11.80
CA GLY D 67 2.45 -27.55 -13.23
C GLY D 67 3.69 -27.07 -13.96
N GLY D 68 3.58 -26.83 -15.26
CA GLY D 68 4.69 -26.42 -16.14
C GLY D 68 5.00 -24.94 -16.01
N HIS D 69 6.02 -24.48 -16.73
CA HIS D 69 6.45 -23.06 -16.82
C HIS D 69 5.32 -22.24 -17.44
N PHE D 70 4.98 -21.10 -16.84
CA PHE D 70 3.92 -20.17 -17.33
C PHE D 70 4.29 -19.70 -18.74
N ASN D 71 3.67 -20.31 -19.76
CA ASN D 71 4.02 -20.16 -21.19
C ASN D 71 2.73 -19.96 -21.99
N PRO D 72 2.05 -18.80 -21.85
CA PRO D 72 0.79 -18.55 -22.56
C PRO D 72 0.94 -18.26 -24.06
N GLU D 73 2.18 -18.10 -24.55
CA GLU D 73 2.51 -17.82 -25.98
C GLU D 73 3.01 -19.09 -26.68
N GLU D 74 3.14 -20.21 -25.95
CA GLU D 74 3.59 -21.52 -26.49
C GLU D 74 4.99 -21.41 -27.10
N LYS D 75 5.88 -20.61 -26.49
CA LYS D 75 7.28 -20.41 -26.93
C LYS D 75 8.19 -21.46 -26.28
N SER D 76 9.47 -21.48 -26.66
CA SER D 76 10.49 -22.41 -26.12
C SER D 76 11.05 -21.88 -24.80
N HIS D 77 11.70 -22.75 -24.01
CA HIS D 77 12.42 -22.39 -22.77
C HIS D 77 13.70 -21.63 -23.12
N GLY D 78 14.02 -20.57 -22.37
CA GLY D 78 15.22 -19.74 -22.57
C GLY D 78 15.58 -18.95 -21.33
N ALA D 79 16.46 -17.96 -21.49
CA ALA D 79 16.94 -17.05 -20.43
C ALA D 79 16.08 -15.80 -20.40
N PRO D 80 16.10 -15.00 -19.31
CA PRO D 80 15.34 -13.74 -19.23
C PRO D 80 15.69 -12.75 -20.36
N MET D 81 16.98 -12.66 -20.73
CA MET D 81 17.49 -11.72 -21.76
C MET D 81 17.06 -12.16 -23.16
N ASP D 82 16.78 -13.46 -23.36
CA ASP D 82 16.35 -14.06 -24.65
C ASP D 82 14.95 -13.54 -25.02
N MET D 83 14.69 -13.43 -26.33
CA MET D 83 13.34 -13.12 -26.89
C MET D 83 12.51 -14.41 -26.92
N SER D 84 13.07 -15.50 -27.45
CA SER D 84 12.52 -16.87 -27.40
C SER D 84 12.59 -17.41 -25.97
N ARG D 85 11.56 -17.13 -25.15
CA ARG D 85 11.48 -17.55 -23.73
C ARG D 85 10.01 -17.69 -23.31
N HIS D 86 9.75 -18.47 -22.25
CA HIS D 86 8.45 -18.50 -21.53
C HIS D 86 8.31 -17.20 -20.72
N ILE D 87 7.07 -16.74 -20.49
CA ILE D 87 6.76 -15.53 -19.68
C ILE D 87 7.40 -15.69 -18.29
N GLY D 88 7.45 -16.92 -17.78
CA GLY D 88 7.99 -17.25 -16.45
C GLY D 88 9.40 -17.82 -16.50
N ASP D 89 10.24 -17.37 -17.43
CA ASP D 89 11.69 -17.71 -17.49
C ASP D 89 12.49 -16.58 -16.83
N LEU D 90 12.67 -16.66 -15.50
CA LEU D 90 13.41 -15.67 -14.69
C LEU D 90 14.84 -16.18 -14.43
N GLY D 91 15.29 -17.16 -15.22
CA GLY D 91 16.66 -17.68 -15.21
C GLY D 91 16.98 -18.43 -13.93
N ASN D 92 18.12 -18.12 -13.31
CA ASN D 92 18.63 -18.77 -12.08
C ASN D 92 18.71 -17.75 -10.94
N ILE D 93 18.63 -18.23 -9.70
CA ILE D 93 19.00 -17.47 -8.46
C ILE D 93 20.19 -18.21 -7.82
N THR D 94 21.17 -17.46 -7.31
CA THR D 94 22.46 -18.00 -6.80
C THR D 94 22.50 -17.86 -5.27
N ALA D 95 22.71 -18.99 -4.58
CA ALA D 95 22.87 -19.06 -3.11
C ALA D 95 24.36 -19.08 -2.76
N ASP D 96 24.76 -18.32 -1.74
CA ASP D 96 26.17 -18.24 -1.25
C ASP D 96 26.45 -19.46 -0.36
N GLU D 97 27.64 -19.50 0.25
CA GLU D 97 28.11 -20.62 1.12
C GLU D 97 27.19 -20.76 2.35
N ASN D 98 26.50 -19.68 2.74
CA ASN D 98 25.62 -19.64 3.93
C ASN D 98 24.18 -20.01 3.54
N GLY D 99 23.90 -20.20 2.25
CA GLY D 99 22.58 -20.59 1.72
C GLY D 99 21.66 -19.41 1.50
N LYS D 100 22.13 -18.18 1.76
CA LYS D 100 21.43 -16.91 1.43
C LYS D 100 21.55 -16.65 -0.08
N ALA D 101 20.47 -16.20 -0.71
CA ALA D 101 20.40 -15.89 -2.16
C ALA D 101 19.64 -14.58 -2.38
N HIS D 102 20.31 -13.58 -2.94
CA HIS D 102 19.71 -12.29 -3.40
C HIS D 102 19.74 -12.24 -4.93
N LEU D 103 18.76 -11.57 -5.52
CA LEU D 103 18.61 -11.40 -6.99
C LEU D 103 17.69 -10.21 -7.26
N GLU D 104 18.18 -9.21 -8.02
CA GLU D 104 17.36 -8.06 -8.48
C GLU D 104 17.73 -7.74 -9.93
N TYR D 105 16.71 -7.57 -10.77
CA TYR D 105 16.84 -7.23 -12.21
C TYR D 105 15.49 -6.70 -12.74
N ILE D 106 15.50 -6.13 -13.95
CA ILE D 106 14.31 -5.56 -14.64
C ILE D 106 13.85 -6.54 -15.71
N ASP D 107 12.70 -7.19 -15.51
CA ASP D 107 12.06 -8.09 -16.50
C ASP D 107 11.07 -7.28 -17.35
N LYS D 108 11.20 -7.36 -18.67
CA LYS D 108 10.47 -6.53 -19.66
C LYS D 108 9.22 -7.29 -20.18
N MET D 109 9.03 -8.55 -19.75
CA MET D 109 7.97 -9.46 -20.28
C MET D 109 6.79 -9.52 -19.30
N ILE D 110 7.07 -9.69 -18.00
CA ILE D 110 6.02 -9.93 -16.95
C ILE D 110 5.18 -8.67 -16.75
N VAL D 111 3.88 -8.84 -16.49
CA VAL D 111 2.88 -7.77 -16.21
C VAL D 111 1.90 -8.30 -15.15
N PHE D 112 1.02 -7.43 -14.63
CA PHE D 112 0.10 -7.73 -13.50
C PHE D 112 -1.36 -7.69 -13.96
N GLU D 113 -1.61 -7.83 -15.26
CA GLU D 113 -2.98 -7.79 -15.85
C GLU D 113 -2.94 -8.25 -17.32
N GLY D 114 -3.95 -9.01 -17.74
CA GLY D 114 -4.13 -9.49 -19.13
C GLY D 114 -3.79 -10.96 -19.28
N GLU D 115 -3.59 -11.41 -20.52
CA GLU D 115 -3.27 -12.81 -20.92
C GLU D 115 -1.99 -13.26 -20.20
N HIS D 116 -1.01 -12.36 -20.05
CA HIS D 116 0.36 -12.65 -19.55
C HIS D 116 0.51 -12.23 -18.08
N SER D 117 -0.61 -12.02 -17.35
CA SER D 117 -0.62 -11.64 -15.92
C SER D 117 0.01 -12.75 -15.08
N ILE D 118 0.95 -12.41 -14.20
CA ILE D 118 1.66 -13.37 -13.29
C ILE D 118 0.89 -13.48 -11.97
N ILE D 119 -0.10 -12.61 -11.75
CA ILE D 119 -0.95 -12.61 -10.52
C ILE D 119 -1.73 -13.92 -10.48
N GLY D 120 -1.60 -14.68 -9.39
CA GLY D 120 -2.29 -15.97 -9.19
C GLY D 120 -1.49 -17.14 -9.74
N ARG D 121 -0.33 -16.88 -10.33
CA ARG D 121 0.62 -17.93 -10.79
C ARG D 121 1.52 -18.30 -9.61
N SER D 122 2.38 -19.31 -9.78
CA SER D 122 3.30 -19.82 -8.74
C SER D 122 4.75 -19.49 -9.09
N MET D 123 5.57 -19.21 -8.06
CA MET D 123 7.06 -19.19 -8.14
C MET D 123 7.54 -20.59 -7.72
N ILE D 124 8.50 -21.16 -8.46
CA ILE D 124 9.15 -22.46 -8.15
C ILE D 124 10.66 -22.26 -8.17
N VAL D 125 11.34 -22.67 -7.09
CA VAL D 125 12.83 -22.76 -7.01
C VAL D 125 13.20 -24.23 -7.18
N HIS D 126 14.15 -24.53 -8.06
CA HIS D 126 14.59 -25.91 -8.42
C HIS D 126 15.85 -26.29 -7.64
N LYS D 127 16.13 -27.59 -7.53
CA LYS D 127 17.30 -28.16 -6.81
C LYS D 127 18.58 -27.83 -7.59
N ASN D 128 18.56 -28.03 -8.90
CA ASN D 128 19.74 -27.88 -9.79
C ASN D 128 19.64 -26.59 -10.61
N GLU D 129 20.71 -26.27 -11.32
CA GLU D 129 20.83 -25.07 -12.20
C GLU D 129 19.94 -25.26 -13.43
N ASP D 130 19.28 -24.17 -13.87
CA ASP D 130 18.61 -24.06 -15.18
C ASP D 130 19.69 -23.69 -16.23
N ASP D 131 20.00 -24.61 -17.14
CA ASP D 131 21.10 -24.45 -18.14
C ASP D 131 20.66 -23.50 -19.26
N LEU D 132 19.36 -23.19 -19.35
CA LEU D 132 18.75 -22.20 -20.27
C LEU D 132 18.77 -22.70 -21.72
N LYS D 133 19.05 -24.00 -21.92
CA LYS D 133 19.18 -24.64 -23.26
C LYS D 133 18.20 -25.81 -23.37
N THR D 134 18.28 -26.78 -22.46
CA THR D 134 17.48 -28.04 -22.45
C THR D 134 15.99 -27.69 -22.41
N GLN D 135 15.16 -28.49 -23.09
CA GLN D 135 13.70 -28.28 -23.22
C GLN D 135 12.95 -29.40 -22.50
N PRO D 136 11.79 -29.13 -21.86
CA PRO D 136 11.22 -27.78 -21.74
C PRO D 136 11.58 -27.04 -20.43
N THR D 137 12.46 -27.63 -19.61
CA THR D 137 12.69 -27.26 -18.18
C THR D 137 14.05 -26.57 -17.99
N GLY D 138 15.04 -26.88 -18.84
CA GLY D 138 16.44 -26.47 -18.66
C GLY D 138 17.19 -27.41 -17.73
N ASN D 139 16.64 -28.61 -17.52
CA ASN D 139 17.23 -29.71 -16.69
C ASN D 139 17.44 -29.21 -15.25
N ALA D 140 16.53 -28.37 -14.76
CA ALA D 140 16.58 -27.76 -13.41
C ALA D 140 16.29 -28.83 -12.35
N GLY D 141 15.53 -29.87 -12.70
CA GLY D 141 15.24 -31.03 -11.83
C GLY D 141 14.17 -30.73 -10.80
N ALA D 142 14.30 -31.34 -9.61
CA ALA D 142 13.29 -31.35 -8.53
C ALA D 142 13.00 -29.93 -8.04
N ARG D 143 11.80 -29.72 -7.50
CA ARG D 143 11.32 -28.41 -6.97
C ARG D 143 11.52 -28.40 -5.45
N VAL D 144 12.23 -27.39 -4.94
CA VAL D 144 12.65 -27.30 -3.51
C VAL D 144 11.75 -26.33 -2.76
N ALA D 145 11.12 -25.38 -3.45
CA ALA D 145 10.21 -24.39 -2.84
C ALA D 145 9.11 -23.98 -3.84
N CYS D 146 7.93 -23.63 -3.32
CA CYS D 146 6.74 -23.18 -4.07
C CYS D 146 6.13 -21.96 -3.36
N GLY D 147 5.50 -21.07 -4.12
CA GLY D 147 4.77 -19.90 -3.61
C GLY D 147 3.84 -19.33 -4.66
N VAL D 148 2.73 -18.70 -4.24
CA VAL D 148 1.73 -18.07 -5.14
C VAL D 148 1.98 -16.56 -5.15
N ILE D 149 1.94 -15.95 -6.35
CA ILE D 149 2.12 -14.49 -6.58
C ILE D 149 0.78 -13.80 -6.29
N GLY D 150 0.76 -12.87 -5.34
CA GLY D 150 -0.44 -12.11 -4.93
C GLY D 150 -0.31 -10.63 -5.23
N ILE D 151 -1.42 -9.89 -5.14
CA ILE D 151 -1.49 -8.42 -5.39
C ILE D 151 -0.91 -7.69 -4.18
N GLY D 152 0.05 -6.78 -4.40
CA GLY D 152 0.71 -5.98 -3.36
C GLY D 152 0.19 -4.55 -3.33
N LYS D 153 0.76 -3.69 -2.48
CA LYS D 153 0.52 -2.22 -2.46
C LYS D 153 1.84 -1.50 -2.17
CU CU E . -14.17 10.16 4.16
ZN ZN F . -15.39 6.85 9.42
CU CU G . 13.84 24.98 0.12
ZN ZN H . 19.28 23.43 3.74
CU CU I . -10.30 -11.37 8.18
ZN ZN J . -15.50 -8.29 6.11
CU CU K . 10.56 -24.07 -12.85
ZN ZN L . 10.74 -22.14 -19.13
#